data_9G8V
#
_entry.id   9G8V
#
_cell.length_a   60.385
_cell.length_b   86.382
_cell.length_c   131.573
_cell.angle_alpha   90
_cell.angle_beta   90
_cell.angle_gamma   90
#
_symmetry.space_group_name_H-M   'C 2 2 21'
#
loop_
_entity.id
_entity.type
_entity.pdbx_description
1 polymer 'Alkaline serine protease'
2 non-polymer GLYCEROL
3 non-polymer 'CALCIUM ION'
4 non-polymer 'SULFATE ION'
5 water water
#
_entity_poly.entity_id   1
_entity_poly.type   'polypeptide(L)'
_entity_poly.pdbx_seq_one_letter_code
;LAPNDPYYQAYQWHLHNATGGINAPSAWDVSQGEGVVVAVLDTGILPQHPDLVGNLLEGYDFISDAATSRRATNDRVPGA
QDYGDWVENDNECYTGSVAEDSSWHGTHVAGTVAEQTNNGVGMAGVAHKAKVLPVRVLGKCGGYLSDIADAITWASGGTV
AGVPANANPAEVINMSLGGSGSCDGTYQDAINGAISRGTTVVVAAGNETDNASKYRPASCDGVVTVGATRITGGITYYSN
YGSRVDLSGPGGGGSVDGNPGGYVWQSGSDAATTPESGSYSYMGMGGTSMASPHVAAVAALVQSALIAAGKDPLAPAAMR
TLLKETARPFPVSIPTATPIGTGIVDAKAALAAALE
;
_entity_poly.pdbx_strand_id   A
#
# COMPACT_ATOMS: atom_id res chain seq x y z
N LEU A 1 0.30 -14.83 16.95
CA LEU A 1 1.54 -15.38 16.33
C LEU A 1 2.69 -14.40 16.54
N ALA A 2 3.83 -14.87 17.07
CA ALA A 2 5.03 -14.04 17.19
C ALA A 2 6.07 -14.61 16.24
N PRO A 3 6.14 -14.09 14.99
CA PRO A 3 6.98 -14.72 13.96
C PRO A 3 8.47 -14.55 14.25
N ASN A 4 9.28 -15.40 13.60
CA ASN A 4 10.70 -15.47 13.98
C ASN A 4 11.58 -14.55 13.10
N ASP A 5 10.97 -13.69 12.27
CA ASP A 5 11.80 -12.85 11.40
C ASP A 5 12.75 -12.03 12.25
N PRO A 6 14.09 -12.04 11.97
CA PRO A 6 15.07 -11.44 12.87
C PRO A 6 14.88 -9.97 13.18
N TYR A 7 14.38 -9.18 12.21
CA TYR A 7 14.27 -7.77 12.49
C TYR A 7 12.85 -7.37 12.94
N TYR A 8 11.93 -8.33 13.08
CA TYR A 8 10.53 -7.97 13.35
C TYR A 8 10.34 -7.29 14.72
N GLN A 9 10.92 -7.88 15.78
N GLN A 9 10.90 -7.91 15.78
N GLN A 9 10.91 -7.91 15.76
CA GLN A 9 10.68 -7.36 17.12
CA GLN A 9 10.78 -7.39 17.14
CA GLN A 9 10.73 -7.43 17.12
C GLN A 9 11.24 -5.94 17.27
C GLN A 9 11.23 -5.94 17.22
C GLN A 9 11.25 -5.99 17.29
N ALA A 10 12.48 -5.71 16.81
CA ALA A 10 13.13 -4.43 17.03
C ALA A 10 12.52 -3.33 16.18
N TYR A 11 12.16 -3.65 14.93
CA TYR A 11 11.93 -2.62 13.92
C TYR A 11 10.43 -2.38 13.72
N GLN A 12 9.61 -3.45 13.82
CA GLN A 12 8.27 -3.41 13.20
C GLN A 12 7.14 -3.07 14.19
N TRP A 13 7.25 -1.88 14.76
CA TRP A 13 6.30 -1.36 15.74
C TRP A 13 4.94 -1.21 15.10
N HIS A 14 4.96 -0.99 13.77
CA HIS A 14 3.70 -0.77 13.05
C HIS A 14 2.83 -2.02 13.03
N LEU A 15 3.47 -3.18 13.26
CA LEU A 15 2.74 -4.46 13.31
C LEU A 15 2.27 -4.79 14.72
N HIS A 16 3.10 -4.52 15.74
CA HIS A 16 2.92 -5.14 17.07
C HIS A 16 2.88 -4.11 18.21
N ASN A 17 3.13 -2.80 17.98
CA ASN A 17 3.15 -1.85 19.10
C ASN A 17 1.72 -1.62 19.61
N ALA A 18 1.55 -1.49 20.95
CA ALA A 18 0.22 -1.42 21.53
C ALA A 18 -0.47 -0.09 21.29
N THR A 19 0.28 1.03 21.06
CA THR A 19 -0.42 2.28 20.75
C THR A 19 -0.47 2.60 19.26
N GLY A 20 0.58 2.24 18.51
CA GLY A 20 0.65 2.65 17.12
C GLY A 20 0.55 1.48 16.14
N GLY A 21 0.47 0.23 16.63
CA GLY A 21 0.46 -0.88 15.68
C GLY A 21 -0.96 -1.31 15.30
N ILE A 22 -1.08 -2.31 14.38
CA ILE A 22 -2.36 -2.70 13.79
C ILE A 22 -2.88 -4.01 14.40
N ASN A 23 -2.27 -4.40 15.52
CA ASN A 23 -2.73 -5.62 16.19
C ASN A 23 -2.51 -6.85 15.32
N ALA A 24 -1.39 -6.91 14.57
CA ALA A 24 -1.17 -8.04 13.68
C ALA A 24 -0.96 -9.39 14.39
N PRO A 25 -0.22 -9.52 15.51
CA PRO A 25 0.00 -10.84 16.13
C PRO A 25 -1.30 -11.62 16.35
N SER A 26 -2.33 -10.95 16.90
CA SER A 26 -3.58 -11.62 17.19
C SER A 26 -4.34 -11.93 15.91
N ALA A 27 -4.31 -10.98 14.96
CA ALA A 27 -4.98 -11.24 13.68
C ALA A 27 -4.40 -12.47 13.00
N TRP A 28 -3.06 -12.65 13.08
CA TRP A 28 -2.40 -13.77 12.42
C TRP A 28 -2.80 -15.13 12.98
N ASP A 29 -3.33 -15.14 14.22
CA ASP A 29 -3.89 -16.38 14.76
C ASP A 29 -5.15 -16.82 14.02
N VAL A 30 -5.76 -15.90 13.26
CA VAL A 30 -6.99 -16.15 12.53
C VAL A 30 -6.79 -16.27 11.03
N SER A 31 -6.04 -15.34 10.41
CA SER A 31 -5.91 -15.37 8.96
C SER A 31 -4.53 -14.79 8.60
N GLN A 32 -3.98 -15.24 7.47
CA GLN A 32 -2.76 -14.65 6.94
C GLN A 32 -3.00 -14.18 5.51
N GLY A 33 -4.24 -14.28 5.03
CA GLY A 33 -4.62 -13.78 3.70
C GLY A 33 -4.46 -14.80 2.56
N GLU A 34 -4.35 -16.08 2.91
CA GLU A 34 -4.21 -17.12 1.91
C GLU A 34 -5.36 -17.06 0.90
N GLY A 35 -5.01 -17.12 -0.39
CA GLY A 35 -6.00 -17.26 -1.43
C GLY A 35 -6.48 -15.92 -1.98
N VAL A 36 -5.99 -14.78 -1.42
CA VAL A 36 -6.38 -13.46 -1.91
C VAL A 36 -5.22 -12.86 -2.72
N VAL A 37 -5.57 -12.03 -3.70
CA VAL A 37 -4.62 -11.29 -4.52
C VAL A 37 -4.82 -9.81 -4.22
N VAL A 38 -3.70 -9.13 -3.87
CA VAL A 38 -3.70 -7.69 -3.66
C VAL A 38 -2.88 -7.11 -4.79
N ALA A 39 -3.46 -6.18 -5.56
CA ALA A 39 -2.69 -5.55 -6.64
C ALA A 39 -2.04 -4.31 -6.06
N VAL A 40 -0.71 -4.21 -6.21
CA VAL A 40 0.04 -3.03 -5.74
C VAL A 40 0.41 -2.21 -6.95
N LEU A 41 -0.29 -1.08 -7.13
CA LEU A 41 -0.07 -0.17 -8.25
C LEU A 41 0.94 0.87 -7.79
N ASP A 42 2.18 0.77 -8.34
CA ASP A 42 3.30 1.45 -7.69
C ASP A 42 4.49 1.47 -8.63
N THR A 43 5.71 1.58 -8.06
CA THR A 43 6.92 1.77 -8.87
C THR A 43 7.40 0.46 -9.50
N GLY A 44 6.64 -0.63 -9.31
CA GLY A 44 7.11 -1.96 -9.69
C GLY A 44 7.76 -2.68 -8.52
N ILE A 45 8.58 -3.70 -8.80
CA ILE A 45 9.02 -4.59 -7.74
C ILE A 45 10.40 -5.16 -8.07
N LEU A 46 11.07 -5.63 -7.01
CA LEU A 46 12.29 -6.39 -7.16
C LEU A 46 11.88 -7.85 -6.98
N PRO A 47 11.55 -8.57 -8.07
CA PRO A 47 10.84 -9.85 -7.96
C PRO A 47 11.62 -10.99 -7.31
N GLN A 48 12.94 -10.84 -7.24
CA GLN A 48 13.77 -11.86 -6.62
C GLN A 48 14.26 -11.47 -5.22
N HIS A 49 13.68 -10.40 -4.61
CA HIS A 49 14.07 -10.15 -3.22
C HIS A 49 13.83 -11.42 -2.40
N PRO A 50 14.82 -11.89 -1.62
CA PRO A 50 14.70 -13.18 -0.96
C PRO A 50 13.60 -13.24 0.10
N ASP A 51 13.12 -12.06 0.53
CA ASP A 51 12.04 -12.10 1.52
C ASP A 51 10.67 -11.85 0.87
N LEU A 52 10.61 -11.77 -0.48
CA LEU A 52 9.35 -11.66 -1.21
C LEU A 52 9.07 -12.87 -2.10
N VAL A 53 10.11 -13.54 -2.61
CA VAL A 53 9.90 -14.68 -3.52
C VAL A 53 8.98 -15.70 -2.87
N GLY A 54 8.05 -16.17 -3.70
CA GLY A 54 7.09 -17.12 -3.19
C GLY A 54 5.72 -16.46 -3.06
N ASN A 55 5.67 -15.11 -2.85
CA ASN A 55 4.39 -14.41 -2.63
C ASN A 55 4.05 -13.44 -3.78
N LEU A 56 4.78 -13.52 -4.90
CA LEU A 56 4.53 -12.57 -5.97
C LEU A 56 3.97 -13.27 -7.22
N LEU A 57 3.12 -12.53 -7.93
CA LEU A 57 2.69 -12.90 -9.28
C LEU A 57 3.50 -12.06 -10.27
N GLU A 58 3.48 -12.45 -11.57
CA GLU A 58 4.30 -11.74 -12.54
C GLU A 58 3.87 -10.28 -12.70
N GLY A 59 2.56 -10.04 -12.81
CA GLY A 59 2.11 -8.65 -12.95
C GLY A 59 2.49 -8.02 -14.30
N TYR A 60 2.47 -6.70 -14.36
CA TYR A 60 2.55 -6.06 -15.67
C TYR A 60 3.04 -4.63 -15.47
N ASP A 61 3.59 -4.04 -16.55
CA ASP A 61 4.13 -2.71 -16.48
C ASP A 61 3.35 -1.84 -17.46
N PHE A 62 2.49 -0.97 -16.90
CA PHE A 62 1.57 -0.12 -17.64
C PHE A 62 2.20 1.20 -18.04
N ILE A 63 3.49 1.45 -17.70
CA ILE A 63 4.05 2.77 -18.04
C ILE A 63 4.24 2.86 -19.55
N SER A 64 3.61 3.87 -20.16
CA SER A 64 3.59 3.94 -21.62
C SER A 64 4.50 5.08 -22.10
N ASP A 65 5.71 5.17 -21.52
CA ASP A 65 6.67 6.20 -21.85
C ASP A 65 8.06 5.70 -21.48
N ALA A 66 8.94 5.54 -22.49
CA ALA A 66 10.22 4.92 -22.25
C ALA A 66 11.07 5.74 -21.27
N ALA A 67 10.99 7.09 -21.31
CA ALA A 67 11.80 7.90 -20.42
C ALA A 67 11.37 7.69 -18.96
N THR A 68 10.06 7.44 -18.74
CA THR A 68 9.55 7.23 -17.39
C THR A 68 9.87 5.80 -16.94
N SER A 69 9.63 4.83 -17.81
CA SER A 69 9.81 3.41 -17.43
C SER A 69 11.29 2.96 -17.40
N ARG A 70 12.15 3.70 -18.11
CA ARG A 70 13.55 3.33 -18.34
C ARG A 70 13.69 2.05 -19.15
N ARG A 71 12.61 1.68 -19.86
CA ARG A 71 12.65 0.53 -20.76
C ARG A 71 13.00 1.04 -22.17
N ALA A 72 13.11 0.10 -23.13
CA ALA A 72 13.55 0.46 -24.47
C ALA A 72 12.45 1.14 -25.29
N THR A 73 11.17 0.83 -25.04
CA THR A 73 10.06 1.36 -25.83
C THR A 73 8.98 1.95 -24.94
N ASN A 74 8.00 2.60 -25.61
CA ASN A 74 6.87 3.23 -24.93
C ASN A 74 5.78 2.21 -24.66
N ASP A 75 6.04 0.94 -24.96
CA ASP A 75 4.99 -0.06 -24.83
C ASP A 75 4.80 -0.48 -23.37
N ARG A 76 3.59 -0.98 -23.08
CA ARG A 76 3.33 -1.69 -21.84
C ARG A 76 3.84 -3.12 -22.05
N VAL A 77 4.34 -3.75 -21.00
CA VAL A 77 4.98 -5.08 -21.13
C VAL A 77 4.64 -5.94 -19.92
N PRO A 78 4.65 -7.28 -20.05
CA PRO A 78 4.47 -8.17 -18.91
C PRO A 78 5.62 -7.99 -17.89
N GLY A 79 5.32 -8.38 -16.64
CA GLY A 79 6.25 -8.25 -15.53
C GLY A 79 6.23 -6.84 -14.95
N ALA A 80 6.82 -6.66 -13.76
CA ALA A 80 6.72 -5.36 -13.12
C ALA A 80 8.07 -4.96 -12.52
N GLN A 81 9.17 -5.48 -13.08
CA GLN A 81 10.51 -5.13 -12.61
C GLN A 81 10.61 -3.61 -12.43
N ASP A 82 11.08 -3.17 -11.24
CA ASP A 82 11.34 -1.76 -11.09
C ASP A 82 12.70 -1.47 -11.70
N TYR A 83 12.77 -0.55 -12.69
CA TYR A 83 14.09 -0.26 -13.27
C TYR A 83 14.83 0.83 -12.49
N GLY A 84 14.17 1.40 -11.48
CA GLY A 84 14.72 2.51 -10.72
C GLY A 84 14.05 3.82 -11.14
N ASP A 85 13.57 4.57 -10.15
CA ASP A 85 12.91 5.85 -10.41
C ASP A 85 13.80 7.03 -10.01
N TRP A 86 15.12 6.82 -9.96
CA TRP A 86 16.03 7.90 -9.54
C TRP A 86 15.92 9.07 -10.52
N VAL A 87 16.22 10.27 -10.02
CA VAL A 87 16.36 11.42 -10.90
C VAL A 87 17.70 12.08 -10.64
N GLU A 88 18.50 12.24 -11.71
CA GLU A 88 19.91 12.62 -11.52
C GLU A 88 20.04 14.10 -11.13
N ASN A 89 19.17 14.96 -11.67
CA ASN A 89 19.36 16.40 -11.56
C ASN A 89 18.14 17.10 -10.96
N ASP A 90 18.41 18.20 -10.24
CA ASP A 90 17.36 19.12 -9.79
C ASP A 90 16.52 19.57 -10.98
N ASN A 91 15.22 19.81 -10.72
CA ASN A 91 14.23 20.45 -11.60
C ASN A 91 13.84 19.58 -12.79
N GLU A 92 14.21 18.30 -12.78
CA GLU A 92 13.80 17.46 -13.90
C GLU A 92 12.32 17.17 -13.85
N CYS A 93 11.72 17.02 -12.66
CA CYS A 93 10.32 16.62 -12.56
C CYS A 93 9.36 17.81 -12.56
N TYR A 94 9.78 18.95 -12.01
CA TYR A 94 8.97 20.17 -11.88
C TYR A 94 9.90 21.21 -11.27
N THR A 95 9.48 22.49 -11.19
CA THR A 95 10.42 23.53 -10.77
C THR A 95 10.67 23.39 -9.27
N GLY A 96 11.97 23.37 -8.93
CA GLY A 96 12.37 23.11 -7.55
C GLY A 96 12.37 21.64 -7.17
N SER A 97 12.08 20.71 -8.11
CA SER A 97 12.24 19.30 -7.73
C SER A 97 13.70 19.02 -7.42
N VAL A 98 13.96 18.07 -6.51
CA VAL A 98 15.33 17.84 -6.08
C VAL A 98 15.74 16.43 -6.51
N ALA A 99 16.99 16.31 -6.98
CA ALA A 99 17.54 15.05 -7.40
C ALA A 99 17.38 14.03 -6.26
N GLU A 100 17.06 12.78 -6.62
CA GLU A 100 16.99 11.76 -5.58
C GLU A 100 17.31 10.38 -6.16
N ASP A 101 17.65 9.50 -5.22
CA ASP A 101 18.04 8.15 -5.55
C ASP A 101 16.76 7.35 -5.78
N SER A 102 16.92 6.15 -6.37
CA SER A 102 15.80 5.25 -6.56
C SER A 102 15.16 4.92 -5.22
N SER A 103 13.81 4.83 -5.23
CA SER A 103 13.02 4.65 -4.02
C SER A 103 12.83 3.17 -3.69
N TRP A 104 12.68 2.33 -4.72
CA TRP A 104 12.16 0.95 -4.56
C TRP A 104 10.86 0.97 -3.75
N HIS A 105 10.06 2.03 -3.95
CA HIS A 105 8.84 2.28 -3.17
C HIS A 105 7.88 1.10 -3.25
N GLY A 106 7.73 0.54 -4.46
CA GLY A 106 6.80 -0.52 -4.76
C GLY A 106 7.16 -1.80 -4.03
N THR A 107 8.48 -1.99 -3.81
CA THR A 107 8.98 -3.19 -3.14
C THR A 107 8.69 -3.10 -1.65
N HIS A 108 8.80 -1.85 -1.11
CA HIS A 108 8.52 -1.61 0.31
C HIS A 108 7.02 -1.80 0.59
N VAL A 109 6.18 -1.18 -0.26
CA VAL A 109 4.72 -1.31 -0.11
C VAL A 109 4.29 -2.77 -0.27
N ALA A 110 4.86 -3.49 -1.25
CA ALA A 110 4.50 -4.88 -1.43
C ALA A 110 4.93 -5.68 -0.20
N GLY A 111 6.05 -5.28 0.43
CA GLY A 111 6.47 -5.93 1.67
C GLY A 111 5.45 -5.78 2.80
N THR A 112 4.93 -4.54 3.00
CA THR A 112 3.90 -4.38 4.02
C THR A 112 2.75 -5.33 3.71
N VAL A 113 2.40 -5.43 2.42
CA VAL A 113 1.26 -6.30 2.07
C VAL A 113 1.55 -7.78 2.33
N ALA A 114 2.69 -8.29 1.82
CA ALA A 114 2.84 -9.74 1.82
C ALA A 114 4.28 -10.21 1.95
N GLU A 115 5.13 -9.46 2.67
CA GLU A 115 6.49 -9.94 2.89
C GLU A 115 6.44 -11.32 3.58
N GLN A 116 7.29 -12.25 3.10
CA GLN A 116 7.31 -13.59 3.71
C GLN A 116 7.62 -13.47 5.20
N THR A 117 6.86 -14.22 5.99
CA THR A 117 6.90 -14.07 7.43
C THR A 117 7.11 -15.43 8.11
N ASN A 118 7.72 -15.38 9.30
CA ASN A 118 8.07 -16.58 10.04
C ASN A 118 8.99 -17.46 9.22
N ASN A 119 9.85 -16.85 8.35
CA ASN A 119 10.75 -17.61 7.52
C ASN A 119 12.20 -17.39 7.95
N GLY A 120 12.42 -16.84 9.14
CA GLY A 120 13.81 -16.69 9.61
C GLY A 120 14.63 -15.70 8.78
N VAL A 121 13.98 -14.80 8.03
CA VAL A 121 14.71 -13.86 7.18
C VAL A 121 14.09 -12.47 7.29
N GLY A 122 14.93 -11.46 7.56
CA GLY A 122 14.49 -10.07 7.41
C GLY A 122 13.28 -9.68 8.30
N MET A 123 12.21 -9.23 7.62
CA MET A 123 11.07 -8.61 8.29
C MET A 123 9.80 -9.44 8.08
N ALA A 124 8.69 -9.02 8.72
CA ALA A 124 7.37 -9.64 8.47
C ALA A 124 6.50 -8.74 7.57
N GLY A 125 5.41 -9.32 7.05
CA GLY A 125 4.39 -8.63 6.27
C GLY A 125 3.00 -8.95 6.84
N VAL A 126 1.99 -8.19 6.43
CA VAL A 126 0.67 -8.34 7.08
C VAL A 126 -0.11 -9.52 6.48
N ALA A 127 -0.36 -9.53 5.19
CA ALA A 127 -1.10 -10.61 4.56
C ALA A 127 -0.10 -11.57 3.91
N HIS A 128 0.69 -12.22 4.76
CA HIS A 128 1.91 -12.89 4.33
C HIS A 128 1.66 -14.27 3.71
N LYS A 129 0.40 -14.68 3.53
CA LYS A 129 0.11 -15.84 2.68
C LYS A 129 -0.69 -15.42 1.44
N ALA A 130 -1.00 -14.12 1.32
CA ALA A 130 -1.63 -13.66 0.10
C ALA A 130 -0.60 -13.64 -1.03
N LYS A 131 -1.05 -13.29 -2.24
CA LYS A 131 -0.08 -12.95 -3.29
C LYS A 131 -0.24 -11.49 -3.68
N VAL A 132 0.90 -10.82 -3.95
CA VAL A 132 0.92 -9.48 -4.55
C VAL A 132 0.95 -9.61 -6.08
N LEU A 133 0.02 -8.91 -6.74
CA LEU A 133 0.04 -8.71 -8.17
C LEU A 133 0.67 -7.33 -8.37
N PRO A 134 1.96 -7.24 -8.72
CA PRO A 134 2.62 -5.93 -8.90
C PRO A 134 2.24 -5.36 -10.26
N VAL A 135 1.71 -4.14 -10.20
CA VAL A 135 1.34 -3.45 -11.41
C VAL A 135 2.15 -2.14 -11.45
N ARG A 136 3.11 -2.06 -12.38
CA ARG A 136 4.05 -0.94 -12.40
C ARG A 136 3.41 0.24 -13.14
N VAL A 137 3.21 1.34 -12.43
CA VAL A 137 2.58 2.52 -13.01
C VAL A 137 3.41 3.77 -12.75
N LEU A 138 4.44 3.67 -11.90
CA LEU A 138 5.24 4.86 -11.55
C LEU A 138 6.70 4.60 -11.89
N GLY A 139 7.36 5.57 -12.53
CA GLY A 139 8.80 5.46 -12.75
C GLY A 139 9.47 6.81 -12.49
N LYS A 140 10.34 7.24 -13.43
CA LYS A 140 11.07 8.48 -13.26
C LYS A 140 10.08 9.65 -13.25
N CYS A 141 10.08 10.43 -12.15
CA CYS A 141 9.22 11.60 -11.99
C CYS A 141 7.75 11.18 -11.93
N GLY A 142 7.49 9.92 -11.55
CA GLY A 142 6.12 9.52 -11.26
C GLY A 142 5.45 8.81 -12.44
N GLY A 143 4.13 9.04 -12.63
CA GLY A 143 3.47 8.32 -13.72
C GLY A 143 2.29 9.10 -14.29
N TYR A 144 1.61 8.48 -15.25
CA TYR A 144 0.57 9.13 -16.04
C TYR A 144 -0.80 8.63 -15.58
N LEU A 145 -1.74 9.57 -15.46
CA LEU A 145 -3.08 9.27 -15.02
C LEU A 145 -3.72 8.18 -15.90
N SER A 146 -3.50 8.25 -17.23
CA SER A 146 -4.13 7.27 -18.09
C SER A 146 -3.56 5.87 -17.87
N ASP A 147 -2.27 5.80 -17.51
CA ASP A 147 -1.65 4.52 -17.20
C ASP A 147 -2.23 4.00 -15.90
N ILE A 148 -2.35 4.89 -14.91
CA ILE A 148 -2.83 4.46 -13.60
C ILE A 148 -4.28 3.97 -13.74
N ALA A 149 -5.12 4.72 -14.48
CA ALA A 149 -6.51 4.31 -14.68
C ALA A 149 -6.61 2.94 -15.37
N ASP A 150 -5.83 2.72 -16.45
CA ASP A 150 -5.88 1.42 -17.09
C ASP A 150 -5.39 0.32 -16.16
N ALA A 151 -4.36 0.61 -15.36
CA ALA A 151 -3.92 -0.39 -14.37
C ALA A 151 -5.04 -0.77 -13.39
N ILE A 152 -5.85 0.20 -12.98
CA ILE A 152 -6.93 -0.13 -12.05
C ILE A 152 -7.91 -1.11 -12.70
N THR A 153 -8.23 -0.83 -13.98
CA THR A 153 -9.18 -1.65 -14.72
C THR A 153 -8.64 -3.08 -14.82
N TRP A 154 -7.39 -3.22 -15.28
CA TRP A 154 -6.83 -4.52 -15.47
C TRP A 154 -6.67 -5.27 -14.15
N ALA A 155 -6.10 -4.58 -13.13
CA ALA A 155 -5.90 -5.24 -11.85
C ALA A 155 -7.16 -5.88 -11.30
N SER A 156 -8.31 -5.21 -11.48
CA SER A 156 -9.60 -5.62 -10.92
C SER A 156 -10.38 -6.54 -11.85
N GLY A 157 -9.77 -6.94 -12.97
CA GLY A 157 -10.40 -7.96 -13.80
C GLY A 157 -11.19 -7.37 -14.97
N GLY A 158 -10.98 -6.09 -15.27
CA GLY A 158 -11.60 -5.42 -16.41
C GLY A 158 -10.69 -5.54 -17.64
N THR A 159 -11.20 -5.17 -18.82
CA THR A 159 -10.45 -5.39 -20.06
C THR A 159 -9.78 -4.08 -20.44
N VAL A 160 -8.52 -4.16 -20.84
CA VAL A 160 -7.79 -3.02 -21.39
C VAL A 160 -7.30 -3.38 -22.78
N ALA A 161 -7.55 -2.49 -23.76
CA ALA A 161 -7.06 -2.70 -25.12
C ALA A 161 -5.55 -2.89 -25.08
N GLY A 162 -5.08 -3.97 -25.71
CA GLY A 162 -3.66 -4.18 -25.87
C GLY A 162 -2.99 -4.91 -24.71
N VAL A 163 -3.75 -5.26 -23.66
CA VAL A 163 -3.20 -6.07 -22.59
C VAL A 163 -3.96 -7.37 -22.51
N PRO A 164 -3.25 -8.52 -22.36
CA PRO A 164 -3.93 -9.80 -22.22
C PRO A 164 -4.74 -9.82 -20.93
N ALA A 165 -5.88 -10.54 -20.95
CA ALA A 165 -6.79 -10.60 -19.82
C ALA A 165 -6.01 -10.99 -18.55
N ASN A 166 -6.36 -10.33 -17.43
CA ASN A 166 -5.71 -10.64 -16.15
C ASN A 166 -6.26 -11.96 -15.60
N ALA A 167 -5.39 -12.98 -15.51
CA ALA A 167 -5.75 -14.30 -15.00
C ALA A 167 -5.94 -14.28 -13.48
N ASN A 168 -5.49 -13.20 -12.84
CA ASN A 168 -5.47 -13.11 -11.38
C ASN A 168 -6.16 -11.82 -10.94
N PRO A 169 -7.49 -11.68 -11.15
CA PRO A 169 -8.20 -10.46 -10.77
C PRO A 169 -7.99 -10.25 -9.26
N ALA A 170 -7.80 -9.00 -8.83
CA ALA A 170 -7.44 -8.72 -7.45
C ALA A 170 -8.66 -8.36 -6.59
N GLU A 171 -8.77 -8.98 -5.40
CA GLU A 171 -9.85 -8.62 -4.49
C GLU A 171 -9.59 -7.22 -3.90
N VAL A 172 -8.32 -6.80 -3.86
CA VAL A 172 -7.94 -5.54 -3.24
C VAL A 172 -6.92 -4.84 -4.12
N ILE A 173 -7.11 -3.53 -4.37
CA ILE A 173 -6.10 -2.68 -4.99
C ILE A 173 -5.53 -1.75 -3.93
N ASN A 174 -4.19 -1.60 -3.90
CA ASN A 174 -3.55 -0.56 -3.08
C ASN A 174 -2.89 0.45 -4.03
N MET A 175 -3.23 1.72 -3.82
CA MET A 175 -2.57 2.83 -4.53
C MET A 175 -1.88 3.75 -3.54
N SER A 176 -0.58 3.46 -3.32
CA SER A 176 0.25 4.33 -2.50
C SER A 176 0.83 5.41 -3.42
N LEU A 177 -0.03 6.31 -3.88
CA LEU A 177 0.36 7.30 -4.86
C LEU A 177 -0.69 8.41 -4.84
N GLY A 178 -0.32 9.55 -5.40
CA GLY A 178 -1.27 10.64 -5.33
C GLY A 178 -0.75 11.86 -6.08
N GLY A 179 -1.65 12.79 -6.40
CA GLY A 179 -1.27 14.01 -7.08
C GLY A 179 -2.34 15.06 -6.81
N SER A 180 -2.05 16.34 -7.11
CA SER A 180 -3.01 17.40 -6.93
C SER A 180 -4.19 17.21 -7.87
N GLY A 181 -5.36 17.63 -7.41
CA GLY A 181 -6.52 17.79 -8.27
C GLY A 181 -7.64 16.90 -7.75
N SER A 182 -8.87 17.40 -7.73
CA SER A 182 -9.90 16.51 -7.24
C SER A 182 -10.17 15.43 -8.30
N CYS A 183 -10.82 14.34 -7.91
CA CYS A 183 -10.92 13.15 -8.73
C CYS A 183 -11.71 13.50 -9.98
N ASP A 184 -11.18 13.07 -11.10
CA ASP A 184 -11.73 13.44 -12.39
C ASP A 184 -12.55 12.24 -12.83
N GLY A 185 -13.27 12.42 -13.94
CA GLY A 185 -13.91 11.33 -14.68
C GLY A 185 -13.04 10.09 -14.96
N THR A 186 -11.82 10.23 -15.50
CA THR A 186 -11.05 9.04 -15.91
C THR A 186 -10.73 8.18 -14.69
N TYR A 187 -10.19 8.80 -13.64
CA TYR A 187 -9.92 8.07 -12.41
C TYR A 187 -11.22 7.46 -11.89
N GLN A 188 -12.27 8.29 -11.77
CA GLN A 188 -13.51 7.87 -11.12
C GLN A 188 -14.12 6.68 -11.86
N ASP A 189 -14.10 6.73 -13.20
CA ASP A 189 -14.71 5.65 -13.97
C ASP A 189 -13.94 4.36 -13.80
N ALA A 190 -12.60 4.45 -13.76
CA ALA A 190 -11.83 3.21 -13.58
C ALA A 190 -12.15 2.63 -12.19
N ILE A 191 -12.17 3.49 -11.16
CA ILE A 191 -12.43 3.05 -9.80
C ILE A 191 -13.83 2.44 -9.71
N ASN A 192 -14.80 3.11 -10.32
CA ASN A 192 -16.15 2.56 -10.34
C ASN A 192 -16.20 1.17 -10.99
N GLY A 193 -15.41 0.98 -12.04
CA GLY A 193 -15.36 -0.34 -12.68
C GLY A 193 -14.81 -1.39 -11.73
N ALA A 194 -13.71 -1.05 -11.02
CA ALA A 194 -13.12 -1.98 -10.07
C ALA A 194 -14.13 -2.36 -8.97
N ILE A 195 -14.84 -1.35 -8.42
CA ILE A 195 -15.86 -1.57 -7.39
C ILE A 195 -16.96 -2.51 -7.91
N SER A 196 -17.37 -2.31 -9.17
CA SER A 196 -18.45 -3.09 -9.77
C SER A 196 -18.05 -4.55 -9.93
N ARG A 197 -16.73 -4.83 -9.98
CA ARG A 197 -16.20 -6.19 -10.05
C ARG A 197 -15.86 -6.78 -8.69
N GLY A 198 -16.17 -6.06 -7.59
CA GLY A 198 -16.02 -6.55 -6.23
C GLY A 198 -14.71 -6.16 -5.57
N THR A 199 -13.88 -5.36 -6.27
CA THR A 199 -12.55 -5.02 -5.75
C THR A 199 -12.63 -3.81 -4.83
N THR A 200 -12.02 -3.92 -3.63
CA THR A 200 -11.91 -2.80 -2.69
C THR A 200 -10.66 -2.02 -3.06
N VAL A 201 -10.81 -0.68 -3.15
CA VAL A 201 -9.70 0.16 -3.60
C VAL A 201 -9.24 1.00 -2.40
N VAL A 202 -7.98 0.82 -1.98
CA VAL A 202 -7.44 1.46 -0.79
C VAL A 202 -6.34 2.37 -1.28
N VAL A 203 -6.42 3.66 -0.84
CA VAL A 203 -5.48 4.67 -1.33
C VAL A 203 -4.86 5.47 -0.18
N ALA A 204 -3.65 6.00 -0.45
CA ALA A 204 -2.97 6.87 0.50
C ALA A 204 -3.63 8.25 0.52
N ALA A 205 -3.78 8.86 1.71
CA ALA A 205 -4.41 10.19 1.70
C ALA A 205 -3.53 11.26 1.08
N GLY A 206 -2.20 11.06 1.13
CA GLY A 206 -1.27 12.11 0.71
C GLY A 206 -0.53 12.77 1.87
N ASN A 207 0.58 13.44 1.54
CA ASN A 207 1.60 13.85 2.51
C ASN A 207 1.84 15.37 2.54
N GLU A 208 0.81 16.16 2.19
CA GLU A 208 1.00 17.59 1.99
C GLU A 208 0.46 18.35 3.22
N THR A 209 0.15 17.68 4.36
CA THR A 209 -0.47 18.37 5.51
C THR A 209 -1.62 19.25 5.04
N ASP A 210 -2.53 18.66 4.25
CA ASP A 210 -3.54 19.46 3.56
C ASP A 210 -4.84 18.65 3.55
N ASN A 211 -5.94 19.25 3.06
CA ASN A 211 -7.20 18.52 2.94
C ASN A 211 -7.13 17.49 1.80
N ALA A 212 -7.43 16.22 2.12
CA ALA A 212 -7.41 15.14 1.14
C ALA A 212 -8.39 15.40 0.00
N SER A 213 -9.39 16.30 0.18
CA SER A 213 -10.35 16.59 -0.89
C SER A 213 -9.67 17.17 -2.14
N LYS A 214 -8.44 17.70 -1.96
CA LYS A 214 -7.75 18.44 -3.01
C LYS A 214 -6.81 17.54 -3.82
N TYR A 215 -6.79 16.22 -3.58
CA TYR A 215 -5.82 15.34 -4.22
C TYR A 215 -6.53 14.11 -4.78
N ARG A 216 -5.85 13.39 -5.68
CA ARG A 216 -6.43 12.22 -6.31
C ARG A 216 -5.38 11.12 -6.33
N PRO A 217 -5.73 9.83 -6.11
CA PRO A 217 -7.11 9.38 -5.91
C PRO A 217 -7.71 9.50 -4.51
N ALA A 218 -7.02 10.18 -3.58
CA ALA A 218 -7.53 10.29 -2.20
C ALA A 218 -8.97 10.78 -2.16
N SER A 219 -9.33 11.72 -3.08
CA SER A 219 -10.64 12.35 -3.04
C SER A 219 -11.70 11.61 -3.87
N CYS A 220 -11.35 10.46 -4.48
CA CYS A 220 -12.33 9.74 -5.31
C CYS A 220 -13.46 9.16 -4.46
N ASP A 221 -14.64 9.03 -5.07
CA ASP A 221 -15.73 8.36 -4.40
C ASP A 221 -15.46 6.87 -4.40
N GLY A 222 -15.94 6.19 -3.36
CA GLY A 222 -15.95 4.75 -3.36
C GLY A 222 -14.66 4.11 -2.89
N VAL A 223 -13.64 4.92 -2.56
CA VAL A 223 -12.37 4.31 -2.13
C VAL A 223 -12.21 4.41 -0.60
N VAL A 224 -11.27 3.64 -0.05
CA VAL A 224 -10.87 3.78 1.33
C VAL A 224 -9.65 4.69 1.39
N THR A 225 -9.80 5.92 1.92
CA THR A 225 -8.66 6.83 1.95
C THR A 225 -8.00 6.75 3.33
N VAL A 226 -6.66 6.56 3.35
CA VAL A 226 -5.97 6.20 4.58
C VAL A 226 -4.99 7.29 5.00
N GLY A 227 -5.22 7.83 6.19
CA GLY A 227 -4.28 8.78 6.77
C GLY A 227 -3.13 8.07 7.48
N ALA A 228 -2.19 8.85 8.04
CA ALA A 228 -0.99 8.25 8.63
C ALA A 228 -0.86 8.68 10.08
N THR A 229 -0.58 7.66 10.93
CA THR A 229 -0.28 7.87 12.33
C THR A 229 1.17 7.48 12.66
N ARG A 230 1.61 7.94 13.86
CA ARG A 230 2.93 7.72 14.39
C ARG A 230 2.91 6.51 15.29
N ILE A 231 4.10 6.14 15.76
CA ILE A 231 4.18 5.10 16.78
C ILE A 231 3.37 5.48 18.03
N THR A 232 3.22 6.78 18.28
CA THR A 232 2.48 7.29 19.44
C THR A 232 0.96 7.08 19.29
N GLY A 233 0.50 6.81 18.07
CA GLY A 233 -0.92 6.74 17.76
C GLY A 233 -1.53 8.07 17.32
N GLY A 234 -0.73 9.15 17.26
CA GLY A 234 -1.20 10.48 16.87
C GLY A 234 -0.89 10.78 15.39
N ILE A 235 -1.44 11.88 14.87
CA ILE A 235 -1.27 12.20 13.45
C ILE A 235 0.20 12.48 13.16
N THR A 236 0.64 12.09 11.95
CA THR A 236 1.99 12.47 11.53
C THR A 236 2.02 13.93 11.10
N TYR A 237 3.23 14.48 11.01
CA TYR A 237 3.34 15.91 10.65
C TYR A 237 2.91 16.14 9.21
N TYR A 238 2.95 15.10 8.35
CA TYR A 238 2.73 15.24 6.91
C TYR A 238 1.32 14.80 6.50
N SER A 239 0.63 14.03 7.35
CA SER A 239 -0.58 13.37 6.84
C SER A 239 -1.59 14.40 6.33
N ASN A 240 -2.20 14.10 5.18
CA ASN A 240 -3.39 14.83 4.81
C ASN A 240 -4.55 14.42 5.74
N TYR A 241 -5.63 15.21 5.71
CA TYR A 241 -6.72 15.07 6.67
C TYR A 241 -8.03 15.48 5.98
N GLY A 242 -9.12 15.41 6.74
CA GLY A 242 -10.37 15.93 6.20
C GLY A 242 -11.43 14.85 6.20
N SER A 243 -12.66 15.28 5.88
CA SER A 243 -13.76 14.34 6.00
C SER A 243 -13.64 13.18 5.02
N ARG A 244 -12.84 13.30 3.95
CA ARG A 244 -12.66 12.18 3.03
C ARG A 244 -11.79 11.07 3.62
N VAL A 245 -11.05 11.36 4.73
CA VAL A 245 -10.16 10.34 5.25
C VAL A 245 -11.00 9.36 6.09
N ASP A 246 -10.92 8.07 5.79
CA ASP A 246 -11.79 7.08 6.43
C ASP A 246 -11.25 6.57 7.75
N LEU A 247 -9.93 6.31 7.79
CA LEU A 247 -9.24 5.79 8.96
C LEU A 247 -7.76 5.96 8.66
N SER A 248 -6.91 5.56 9.62
CA SER A 248 -5.48 5.66 9.39
C SER A 248 -4.80 4.31 9.56
N GLY A 249 -3.56 4.28 9.07
CA GLY A 249 -2.69 3.17 9.40
C GLY A 249 -1.34 3.78 9.83
N PRO A 250 -0.43 2.96 10.37
CA PRO A 250 0.90 3.47 10.75
C PRO A 250 1.66 3.92 9.50
N GLY A 251 2.01 5.21 9.44
CA GLY A 251 2.82 5.72 8.32
C GLY A 251 4.25 6.04 8.77
N GLY A 252 4.43 6.29 10.08
CA GLY A 252 5.74 6.65 10.63
C GLY A 252 5.86 8.16 10.75
N GLY A 253 6.24 8.64 11.94
CA GLY A 253 6.25 10.08 12.17
C GLY A 253 7.53 10.76 11.66
N GLY A 254 8.50 9.99 11.18
CA GLY A 254 9.75 10.58 10.74
C GLY A 254 10.69 10.89 11.90
N SER A 255 11.55 11.90 11.72
CA SER A 255 12.71 12.05 12.63
C SER A 255 12.34 12.35 14.07
N VAL A 256 11.16 12.95 14.32
CA VAL A 256 10.71 13.24 15.66
C VAL A 256 10.62 11.97 16.50
N ASP A 257 10.41 10.79 15.85
CA ASP A 257 10.22 9.54 16.57
C ASP A 257 11.45 8.64 16.53
N GLY A 258 12.49 9.15 15.88
CA GLY A 258 13.79 8.48 15.83
C GLY A 258 13.79 7.22 14.98
N ASN A 259 14.82 6.40 15.21
CA ASN A 259 15.07 5.22 14.40
C ASN A 259 15.11 4.07 15.39
N PRO A 260 14.25 3.03 15.36
CA PRO A 260 13.31 2.74 14.27
C PRO A 260 11.92 3.38 14.27
N GLY A 261 11.55 4.07 15.36
CA GLY A 261 10.13 4.27 15.64
C GLY A 261 9.47 5.29 14.72
N GLY A 262 10.26 6.03 13.95
CA GLY A 262 9.70 7.02 13.04
C GLY A 262 9.37 6.46 11.64
N TYR A 263 9.62 5.17 11.38
CA TYR A 263 9.59 4.68 10.00
C TYR A 263 8.93 3.32 9.96
N VAL A 264 8.40 2.94 8.78
CA VAL A 264 7.86 1.60 8.54
C VAL A 264 8.93 0.78 7.80
N TRP A 265 9.13 -0.47 8.22
CA TRP A 265 10.31 -1.23 7.78
C TRP A 265 9.91 -2.46 6.97
N GLN A 266 10.47 -2.55 5.75
CA GLN A 266 10.17 -3.67 4.86
C GLN A 266 11.32 -3.90 3.89
N SER A 267 11.14 -4.97 3.11
CA SER A 267 12.00 -5.32 1.96
C SER A 267 12.26 -4.10 1.07
N GLY A 268 13.53 -3.94 0.66
CA GLY A 268 13.87 -2.93 -0.33
C GLY A 268 15.25 -3.18 -0.93
N SER A 269 15.96 -2.10 -1.24
CA SER A 269 17.31 -2.19 -1.81
C SER A 269 18.04 -0.94 -1.41
N ASP A 270 19.38 -0.99 -1.37
CA ASP A 270 20.15 0.22 -1.16
C ASP A 270 20.64 0.80 -2.50
N ALA A 271 20.23 0.20 -3.61
CA ALA A 271 20.66 0.69 -4.92
C ALA A 271 20.28 2.16 -5.21
N ALA A 272 21.25 2.99 -5.67
CA ALA A 272 20.96 4.41 -5.88
C ALA A 272 20.30 4.69 -7.25
N THR A 273 20.65 3.89 -8.26
CA THR A 273 20.09 4.03 -9.60
C THR A 273 19.41 2.73 -10.05
N THR A 274 20.10 1.92 -10.88
CA THR A 274 19.56 0.70 -11.43
C THR A 274 19.50 -0.34 -10.31
N PRO A 275 18.70 -1.42 -10.41
CA PRO A 275 18.79 -2.50 -9.43
C PRO A 275 20.20 -3.03 -9.16
N GLU A 276 21.00 -3.18 -10.23
CA GLU A 276 22.36 -3.69 -10.16
C GLU A 276 23.33 -2.78 -9.41
N SER A 277 22.99 -1.50 -9.21
CA SER A 277 23.91 -0.58 -8.54
C SER A 277 23.98 -0.86 -7.04
N GLY A 278 23.05 -1.69 -6.55
CA GLY A 278 23.01 -1.96 -5.11
C GLY A 278 22.60 -3.42 -4.87
N SER A 279 22.09 -3.70 -3.67
CA SER A 279 21.69 -5.07 -3.34
C SER A 279 20.45 -5.08 -2.45
N TYR A 280 19.86 -6.27 -2.27
CA TYR A 280 18.64 -6.39 -1.48
C TYR A 280 18.91 -5.99 -0.04
N SER A 281 17.94 -5.30 0.55
CA SER A 281 18.09 -4.77 1.89
C SER A 281 16.71 -4.70 2.57
N TYR A 282 16.69 -4.05 3.74
CA TYR A 282 15.45 -3.70 4.44
C TYR A 282 15.52 -2.21 4.72
N MET A 283 14.45 -1.46 4.42
CA MET A 283 14.53 -0.01 4.37
C MET A 283 13.43 0.52 5.26
N GLY A 284 13.67 1.71 5.84
CA GLY A 284 12.66 2.38 6.64
C GLY A 284 12.16 3.58 5.88
N MET A 285 10.83 3.68 5.70
CA MET A 285 10.27 4.78 4.94
C MET A 285 9.07 5.27 5.72
N GLY A 286 8.73 6.54 5.52
CA GLY A 286 7.57 7.11 6.19
C GLY A 286 6.62 7.67 5.14
N GLY A 287 5.30 7.55 5.36
CA GLY A 287 4.37 8.27 4.50
C GLY A 287 2.97 7.66 4.62
N THR A 288 1.99 8.36 4.03
CA THR A 288 0.68 7.70 3.89
C THR A 288 0.80 6.50 2.94
N SER A 289 1.86 6.50 2.07
CA SER A 289 2.16 5.32 1.26
C SER A 289 2.41 4.04 2.06
N MET A 290 2.91 4.21 3.30
CA MET A 290 3.18 3.05 4.15
C MET A 290 1.93 2.68 4.95
N ALA A 291 1.07 3.67 5.22
CA ALA A 291 -0.15 3.39 5.98
C ALA A 291 -1.18 2.62 5.13
N SER A 292 -1.37 3.04 3.89
CA SER A 292 -2.34 2.44 2.98
C SER A 292 -2.20 0.91 2.84
N PRO A 293 -1.00 0.32 2.62
CA PRO A 293 -0.88 -1.13 2.51
C PRO A 293 -1.20 -1.89 3.77
N HIS A 294 -1.06 -1.22 4.95
CA HIS A 294 -1.51 -1.90 6.16
C HIS A 294 -3.02 -2.16 6.06
N VAL A 295 -3.77 -1.16 5.62
CA VAL A 295 -5.23 -1.28 5.55
C VAL A 295 -5.59 -2.23 4.40
N ALA A 296 -4.91 -2.12 3.23
CA ALA A 296 -5.16 -3.01 2.12
C ALA A 296 -4.92 -4.47 2.53
N ALA A 297 -3.86 -4.74 3.31
CA ALA A 297 -3.59 -6.11 3.71
C ALA A 297 -4.62 -6.60 4.73
N VAL A 298 -5.15 -5.71 5.59
CA VAL A 298 -6.19 -6.13 6.52
C VAL A 298 -7.45 -6.52 5.72
N ALA A 299 -7.79 -5.72 4.70
CA ALA A 299 -8.86 -6.14 3.81
C ALA A 299 -8.61 -7.54 3.26
N ALA A 300 -7.36 -7.83 2.87
CA ALA A 300 -7.05 -9.16 2.35
C ALA A 300 -7.19 -10.24 3.45
N LEU A 301 -6.77 -9.96 4.71
CA LEU A 301 -6.94 -10.95 5.80
C LEU A 301 -8.43 -11.30 5.96
N VAL A 302 -9.30 -10.28 5.91
CA VAL A 302 -10.74 -10.47 6.10
C VAL A 302 -11.33 -11.29 4.96
N GLN A 303 -11.04 -10.91 3.69
CA GLN A 303 -11.62 -11.68 2.59
C GLN A 303 -11.17 -13.15 2.67
N SER A 304 -9.90 -13.37 3.04
CA SER A 304 -9.33 -14.72 3.16
C SER A 304 -10.08 -15.56 4.20
N ALA A 305 -10.30 -14.93 5.36
CA ALA A 305 -10.92 -15.62 6.47
C ALA A 305 -12.37 -16.00 6.10
N LEU A 306 -13.10 -15.08 5.42
CA LEU A 306 -14.47 -15.37 4.99
C LEU A 306 -14.49 -16.57 4.03
N ILE A 307 -13.63 -16.54 3.02
CA ILE A 307 -13.53 -17.58 2.00
C ILE A 307 -13.24 -18.89 2.71
N ALA A 308 -12.30 -18.88 3.68
CA ALA A 308 -11.91 -20.08 4.40
C ALA A 308 -13.06 -20.70 5.19
N ALA A 309 -14.06 -19.89 5.58
CA ALA A 309 -15.17 -20.36 6.38
C ALA A 309 -16.38 -20.65 5.48
N GLY A 310 -16.20 -20.62 4.16
CA GLY A 310 -17.29 -20.77 3.20
C GLY A 310 -18.31 -19.64 3.27
N LYS A 311 -17.90 -18.44 3.73
CA LYS A 311 -18.79 -17.30 3.77
C LYS A 311 -18.50 -16.43 2.55
N ASP A 312 -19.43 -15.52 2.25
CA ASP A 312 -19.35 -14.64 1.09
C ASP A 312 -18.31 -13.54 1.39
N PRO A 313 -17.47 -13.17 0.39
CA PRO A 313 -16.55 -12.02 0.54
C PRO A 313 -17.40 -10.78 0.76
N LEU A 314 -16.80 -9.78 1.43
CA LEU A 314 -17.54 -8.53 1.55
C LEU A 314 -17.50 -7.80 0.22
N ALA A 315 -18.62 -7.10 -0.09
CA ALA A 315 -18.61 -6.12 -1.18
C ALA A 315 -17.79 -4.91 -0.75
N PRO A 316 -17.26 -4.10 -1.70
CA PRO A 316 -16.44 -2.94 -1.35
C PRO A 316 -17.00 -2.00 -0.28
N ALA A 317 -18.27 -1.62 -0.40
CA ALA A 317 -18.87 -0.76 0.63
C ALA A 317 -18.83 -1.43 2.01
N ALA A 318 -19.17 -2.72 2.08
CA ALA A 318 -19.22 -3.37 3.37
C ALA A 318 -17.80 -3.41 3.95
N MET A 319 -16.82 -3.65 3.07
CA MET A 319 -15.42 -3.71 3.52
C MET A 319 -15.00 -2.37 4.15
N ARG A 320 -15.28 -1.26 3.47
CA ARG A 320 -14.94 0.06 4.02
C ARG A 320 -15.62 0.31 5.37
N THR A 321 -16.93 0.00 5.43
CA THR A 321 -17.70 0.17 6.66
C THR A 321 -17.07 -0.65 7.78
N LEU A 322 -16.67 -1.88 7.45
CA LEU A 322 -16.11 -2.73 8.48
C LEU A 322 -14.78 -2.18 8.98
N LEU A 323 -13.89 -1.80 8.04
CA LEU A 323 -12.58 -1.29 8.47
C LEU A 323 -12.77 -0.04 9.35
N LYS A 324 -13.70 0.86 8.98
CA LYS A 324 -13.94 2.06 9.78
C LYS A 324 -14.53 1.76 11.17
N GLU A 325 -15.55 0.90 11.21
CA GLU A 325 -16.25 0.62 12.45
C GLU A 325 -15.35 -0.09 13.44
N THR A 326 -14.37 -0.88 12.95
CA THR A 326 -13.53 -1.67 13.85
C THR A 326 -12.19 -1.01 14.15
N ALA A 327 -11.91 0.17 13.55
CA ALA A 327 -10.65 0.87 13.82
C ALA A 327 -10.50 1.19 15.31
N ARG A 328 -9.25 1.14 15.84
CA ARG A 328 -8.96 1.47 17.25
CA ARG A 328 -9.02 1.47 17.24
C ARG A 328 -8.98 2.98 17.41
N PRO A 329 -9.84 3.58 18.27
CA PRO A 329 -9.83 5.03 18.44
C PRO A 329 -8.42 5.49 18.83
N PHE A 330 -8.04 6.68 18.37
CA PHE A 330 -6.66 7.10 18.53
C PHE A 330 -6.32 7.30 20.01
N PRO A 331 -5.12 6.86 20.45
CA PRO A 331 -4.73 6.99 21.86
C PRO A 331 -4.16 8.36 22.21
N VAL A 332 -4.10 9.25 21.21
CA VAL A 332 -3.71 10.64 21.35
C VAL A 332 -4.80 11.45 20.64
N SER A 333 -5.13 12.62 21.19
CA SER A 333 -6.18 13.45 20.65
C SER A 333 -5.81 13.87 19.23
N ILE A 334 -6.77 13.72 18.30
CA ILE A 334 -6.58 14.29 16.97
C ILE A 334 -7.28 15.64 16.95
N PRO A 335 -6.58 16.75 16.55
CA PRO A 335 -7.25 18.05 16.47
C PRO A 335 -8.46 18.07 15.54
N THR A 336 -9.45 18.88 15.92
CA THR A 336 -10.76 18.90 15.29
C THR A 336 -10.59 19.21 13.81
N ALA A 337 -9.65 20.11 13.50
CA ALA A 337 -9.55 20.62 12.15
C ALA A 337 -8.67 19.70 11.28
N THR A 338 -8.10 18.61 11.84
CA THR A 338 -7.29 17.72 11.01
C THR A 338 -7.75 16.27 11.21
N PRO A 339 -9.03 15.94 10.90
CA PRO A 339 -9.54 14.60 11.17
C PRO A 339 -8.88 13.58 10.26
N ILE A 340 -8.57 12.39 10.78
CA ILE A 340 -7.90 11.36 10.00
C ILE A 340 -8.69 10.05 10.18
N GLY A 341 -10.01 10.16 10.16
CA GLY A 341 -10.87 8.98 10.13
C GLY A 341 -11.25 8.49 11.52
N THR A 342 -11.73 7.23 11.57
CA THR A 342 -12.34 6.75 12.81
C THR A 342 -11.32 6.22 13.82
N GLY A 343 -10.11 5.89 13.37
CA GLY A 343 -9.12 5.30 14.26
C GLY A 343 -8.03 4.64 13.43
N ILE A 344 -7.17 3.85 14.09
CA ILE A 344 -6.10 3.14 13.41
C ILE A 344 -6.64 1.75 13.09
N VAL A 345 -6.45 1.31 11.85
CA VAL A 345 -6.91 -0.01 11.46
C VAL A 345 -6.48 -1.06 12.47
N ASP A 346 -7.43 -1.94 12.79
CA ASP A 346 -7.18 -2.95 13.81
C ASP A 346 -7.49 -4.29 13.16
N ALA A 347 -6.44 -5.04 12.83
CA ALA A 347 -6.55 -6.23 12.01
C ALA A 347 -7.42 -7.27 12.73
N LYS A 348 -7.20 -7.41 14.04
CA LYS A 348 -7.93 -8.42 14.80
C LYS A 348 -9.40 -8.01 14.96
N ALA A 349 -9.67 -6.73 15.27
CA ALA A 349 -11.06 -6.33 15.42
C ALA A 349 -11.83 -6.48 14.11
N ALA A 350 -11.17 -6.21 12.97
CA ALA A 350 -11.85 -6.35 11.68
C ALA A 350 -12.24 -7.82 11.43
N LEU A 351 -11.28 -8.73 11.68
CA LEU A 351 -11.56 -10.15 11.53
C LEU A 351 -12.69 -10.60 12.46
N ALA A 352 -12.64 -10.19 13.72
CA ALA A 352 -13.62 -10.64 14.72
C ALA A 352 -15.03 -10.24 14.28
N ALA A 353 -15.20 -9.01 13.79
CA ALA A 353 -16.52 -8.52 13.39
C ALA A 353 -16.98 -9.22 12.11
N ALA A 354 -16.07 -9.38 11.14
CA ALA A 354 -16.43 -10.04 9.86
C ALA A 354 -16.90 -11.47 10.08
N LEU A 355 -16.30 -12.15 11.04
CA LEU A 355 -16.58 -13.54 11.27
C LEU A 355 -17.71 -13.74 12.27
N GLU A 356 -18.33 -12.63 12.72
N GLU A 356 -18.31 -12.66 12.79
CA GLU A 356 -19.57 -12.63 13.51
CA GLU A 356 -19.40 -12.82 13.75
C GLU A 356 -19.23 -12.13 14.93
C GLU A 356 -20.62 -13.45 13.05
#